data_7HOV
#
_entry.id   7HOV
#
_cell.length_a   42.508
_cell.length_b   42.508
_cell.length_c   216.455
_cell.angle_alpha   90.00
_cell.angle_beta   90.00
_cell.angle_gamma   90.00
#
_symmetry.space_group_name_H-M   'P 43 2 2'
#
loop_
_entity.id
_entity.type
_entity.pdbx_description
1 polymer 'Serine protease subunit NS2B'
2 polymer 'Serine protease NS3'
3 non-polymer 'DIMETHYL SULFOXIDE'
4 non-polymer 3-chloro-5-[({2-[(dimethylamino)methyl]-1,3-thiazol-4-yl}methyl)amino]-N-(1-hydroxy-2-methylpropan-2-yl)benzamide
5 non-polymer 'SULFATE ION'
6 water water
#
loop_
_entity_poly.entity_id
_entity_poly.type
_entity_poly.pdbx_seq_one_letter_code
_entity_poly.pdbx_strand_id
1 'polypeptide(L)' SMGKSVDMYIERAGDITWEKDAEVTGNSPRLDVALDESGDFSLVEE A
2 'polypeptide(L)'
;MKEVKKGETTDGVYRVMTRRLLGSTQVGVGVMQEGVFHTMWHVTKGAALRSGEGRLDPYWGDVKQDLVSYCGPWKLDAAW
DGLSEVQLLAVPPGERAKNIQTLPGIFKTKDGDIGAVALDYPAGTSGSPILDKCGRVIGLYGNGVVIKNGSYVSAITQGK
REEETPVE
;
B
#
loop_
_chem_comp.id
_chem_comp.type
_chem_comp.name
_chem_comp.formula
A1BGM non-polymer 3-chloro-5-[({2-[(dimethylamino)methyl]-1,3-thiazol-4-yl}methyl)amino]-N-(1-hydroxy-2-methylpropan-2-yl)benzamide 'C18 H25 Cl N4 O2 S'
DMS non-polymer 'DIMETHYL SULFOXIDE' 'C2 H6 O S'
SO4 non-polymer 'SULFATE ION' 'O4 S -2'
#
# COMPACT_ATOMS: atom_id res chain seq x y z
N ASP A 7 -6.42 6.05 19.22
CA ASP A 7 -4.93 6.25 19.29
C ASP A 7 -4.23 5.00 18.73
N MET A 8 -3.21 5.25 17.92
CA MET A 8 -2.78 4.28 16.89
C MET A 8 -1.40 3.76 17.26
N TYR A 9 -1.17 2.45 17.05
CA TYR A 9 0.13 1.80 17.36
C TYR A 9 0.49 0.83 16.23
N ILE A 10 1.77 0.53 16.13
CA ILE A 10 2.30 -0.43 15.12
C ILE A 10 2.81 -1.71 15.78
N GLU A 11 2.61 -2.83 15.10
CA GLU A 11 3.14 -4.17 15.44
C GLU A 11 3.88 -4.74 14.22
N ARG A 12 5.11 -5.23 14.41
CA ARG A 12 5.86 -5.88 13.32
C ARG A 12 5.09 -7.11 12.81
N ALA A 13 5.03 -7.31 11.49
CA ALA A 13 4.34 -8.46 10.86
C ALA A 13 5.32 -9.32 10.05
N GLY A 14 6.54 -8.87 9.80
CA GLY A 14 7.49 -9.69 9.02
C GLY A 14 8.61 -8.90 8.36
N ASP A 15 9.47 -9.62 7.59
CA ASP A 15 10.62 -9.09 6.81
C ASP A 15 10.10 -8.75 5.41
N ILE A 16 10.74 -7.80 4.74
CA ILE A 16 10.36 -7.51 3.33
C ILE A 16 11.33 -8.27 2.40
N THR A 17 10.86 -9.40 1.91
N THR A 17 10.87 -9.40 1.86
N THR A 17 10.86 -9.40 1.91
N THR A 17 10.87 -9.40 1.86
CA THR A 17 11.62 -10.35 1.06
CA THR A 17 11.70 -10.34 1.07
CA THR A 17 11.62 -10.35 1.06
CA THR A 17 11.70 -10.34 1.07
C THR A 17 10.79 -10.75 -0.16
C THR A 17 10.88 -10.93 -0.08
C THR A 17 10.79 -10.75 -0.16
C THR A 17 10.88 -10.93 -0.08
N TRP A 18 11.46 -10.97 -1.29
CA TRP A 18 10.88 -11.72 -2.42
C TRP A 18 10.94 -13.21 -2.04
N GLU A 19 9.85 -13.94 -2.19
CA GLU A 19 9.77 -15.37 -1.80
C GLU A 19 9.59 -16.22 -3.05
N LYS A 20 10.62 -17.01 -3.39
CA LYS A 20 10.58 -17.99 -4.51
C LYS A 20 9.36 -18.88 -4.28
N ASP A 21 8.57 -19.15 -5.32
CA ASP A 21 7.36 -20.02 -5.20
C ASP A 21 6.36 -19.43 -4.20
N ALA A 22 5.98 -18.15 -4.34
CA ALA A 22 4.73 -17.57 -3.79
C ALA A 22 3.54 -17.87 -4.77
N GLU A 23 2.31 -17.86 -4.22
CA GLU A 23 0.99 -18.06 -4.91
C GLU A 23 0.82 -17.00 -6.03
N VAL A 24 0.82 -17.42 -7.29
CA VAL A 24 0.82 -16.50 -8.48
C VAL A 24 -0.62 -16.35 -8.99
N THR A 25 -1.14 -15.12 -9.04
CA THR A 25 -2.59 -14.86 -9.24
C THR A 25 -2.80 -13.39 -9.60
N GLY A 26 -4.03 -13.07 -10.04
CA GLY A 26 -4.47 -11.75 -10.49
C GLY A 26 -4.28 -11.57 -12.00
N ASN A 27 -5.12 -10.71 -12.58
CA ASN A 27 -5.11 -10.29 -14.01
C ASN A 27 -4.32 -8.96 -14.09
N SER A 28 -4.22 -8.34 -15.29
CA SER A 28 -3.42 -7.10 -15.58
C SER A 28 -4.27 -6.08 -16.33
N PRO A 29 -5.32 -5.45 -15.76
CA PRO A 29 -6.20 -4.60 -16.56
C PRO A 29 -5.50 -3.31 -16.96
N ARG A 30 -5.72 -2.86 -18.19
CA ARG A 30 -5.33 -1.51 -18.65
C ARG A 30 -6.55 -0.60 -18.46
N LEU A 31 -6.52 0.35 -17.51
CA LEU A 31 -7.74 1.11 -17.17
C LEU A 31 -7.48 2.60 -17.39
N ASP A 32 -8.50 3.32 -17.84
CA ASP A 32 -8.48 4.79 -17.95
C ASP A 32 -9.01 5.40 -16.66
N VAL A 33 -8.14 6.08 -15.92
CA VAL A 33 -8.50 6.62 -14.59
C VAL A 33 -8.21 8.13 -14.53
N ALA A 34 -9.03 8.86 -13.78
CA ALA A 34 -8.78 10.24 -13.30
C ALA A 34 -8.41 10.21 -11.80
N LEU A 35 -7.59 11.17 -11.37
CA LEU A 35 -7.15 11.42 -9.96
C LEU A 35 -7.58 12.82 -9.54
N ASP A 36 -8.54 12.94 -8.61
CA ASP A 36 -9.01 14.25 -8.08
C ASP A 36 -8.01 14.78 -7.01
N GLU A 37 -8.26 16.02 -6.56
CA GLU A 37 -7.47 16.77 -5.55
C GLU A 37 -7.44 16.01 -4.22
N SER A 38 -8.50 15.26 -3.88
CA SER A 38 -8.66 14.48 -2.63
C SER A 38 -7.99 13.13 -2.70
N GLY A 39 -7.25 12.81 -3.77
CA GLY A 39 -6.54 11.51 -3.91
C GLY A 39 -7.44 10.33 -4.29
N ASP A 40 -8.69 10.57 -4.72
CA ASP A 40 -9.63 9.52 -5.21
C ASP A 40 -9.39 9.24 -6.70
N PHE A 41 -9.05 8.00 -7.04
CA PHE A 41 -9.05 7.47 -8.42
C PHE A 41 -10.50 7.16 -8.85
N SER A 42 -10.79 7.33 -10.13
CA SER A 42 -12.08 6.96 -10.74
C SER A 42 -11.89 6.52 -12.21
N LEU A 43 -12.79 5.66 -12.70
CA LEU A 43 -12.78 5.16 -14.09
C LEU A 43 -13.39 6.22 -15.00
N VAL A 44 -12.62 6.64 -15.99
CA VAL A 44 -13.11 7.38 -17.21
C VAL A 44 -13.66 6.35 -18.22
N GLU A 45 -14.59 6.69 -19.11
CA GLU A 45 -14.91 5.84 -20.32
C GLU A 45 -15.32 6.73 -21.49
N GLY B 7 11.42 2.93 20.96
CA GLY B 7 10.49 2.20 20.03
C GLY B 7 11.20 1.23 19.09
N GLU B 8 10.46 0.26 18.53
CA GLU B 8 10.94 -0.70 17.50
C GLU B 8 11.22 0.02 16.16
N THR B 9 12.49 0.10 15.77
N THR B 9 12.48 0.08 15.78
N THR B 9 12.49 0.10 15.78
N THR B 9 12.49 0.08 15.78
CA THR B 9 12.95 0.79 14.53
CA THR B 9 12.99 0.79 14.57
CA THR B 9 12.99 0.79 14.57
CA THR B 9 13.03 0.79 14.59
C THR B 9 13.40 -0.23 13.50
C THR B 9 13.45 -0.22 13.53
C THR B 9 13.37 -0.23 13.48
C THR B 9 13.42 -0.23 13.51
N THR B 10 13.24 -1.52 13.79
CA THR B 10 13.67 -2.61 12.89
C THR B 10 13.00 -2.45 11.52
N ASP B 11 13.79 -2.51 10.44
CA ASP B 11 13.27 -2.61 9.06
C ASP B 11 12.15 -3.67 9.00
N GLY B 12 11.21 -3.56 8.05
CA GLY B 12 10.16 -4.56 7.81
C GLY B 12 8.78 -3.98 7.68
N VAL B 13 7.79 -4.87 7.61
CA VAL B 13 6.36 -4.51 7.40
C VAL B 13 5.69 -4.57 8.76
N TYR B 14 4.81 -3.62 9.03
CA TYR B 14 4.11 -3.45 10.33
C TYR B 14 2.62 -3.31 10.08
N ARG B 15 1.85 -3.78 11.05
CA ARG B 15 0.40 -3.48 11.12
C ARG B 15 0.19 -2.15 11.80
N VAL B 16 -0.79 -1.40 11.33
CA VAL B 16 -1.29 -0.18 12.02
C VAL B 16 -2.63 -0.51 12.67
N MET B 17 -2.68 -0.33 13.98
CA MET B 17 -3.79 -0.76 14.87
C MET B 17 -4.38 0.45 15.59
N THR B 18 -5.71 0.44 15.78
CA THR B 18 -6.40 1.37 16.70
C THR B 18 -7.19 0.59 17.77
N ARG B 19 -7.29 1.17 18.96
CA ARG B 19 -8.22 0.71 20.04
C ARG B 19 -9.50 1.56 20.08
N ARG B 20 -9.61 2.63 19.29
CA ARG B 20 -10.73 3.63 19.33
C ARG B 20 -12.08 2.94 19.01
N LEU B 21 -12.10 1.89 18.19
CA LEU B 21 -13.32 1.08 17.87
C LEU B 21 -13.42 -0.11 18.84
N LEU B 22 -14.25 -1.10 18.54
CA LEU B 22 -14.39 -2.34 19.34
C LEU B 22 -13.08 -3.12 19.30
N GLY B 23 -12.71 -3.80 20.41
CA GLY B 23 -11.40 -4.47 20.55
C GLY B 23 -10.25 -3.65 19.94
N SER B 24 -9.27 -4.34 19.33
CA SER B 24 -8.13 -3.77 18.57
C SER B 24 -8.39 -4.01 17.10
N THR B 25 -8.45 -2.95 16.30
CA THR B 25 -8.83 -3.03 14.86
C THR B 25 -7.65 -2.61 13.99
N GLN B 26 -7.34 -3.41 13.00
CA GLN B 26 -6.26 -3.09 12.04
C GLN B 26 -6.81 -2.11 11.00
N VAL B 27 -6.34 -0.86 11.04
CA VAL B 27 -6.80 0.20 10.09
C VAL B 27 -5.90 0.20 8.83
N GLY B 28 -4.69 -0.35 8.90
CA GLY B 28 -3.82 -0.61 7.72
C GLY B 28 -2.47 -1.19 8.08
N VAL B 29 -1.48 -0.93 7.21
CA VAL B 29 -0.10 -1.52 7.14
C VAL B 29 0.89 -0.42 6.73
N GLY B 30 2.14 -0.53 7.16
CA GLY B 30 3.23 0.31 6.64
C GLY B 30 4.56 -0.42 6.65
N VAL B 31 5.60 0.29 6.19
CA VAL B 31 6.99 -0.18 5.92
C VAL B 31 7.95 0.70 6.72
N MET B 32 8.75 0.07 7.59
CA MET B 32 9.84 0.75 8.31
C MET B 32 11.10 0.56 7.49
N GLN B 33 11.79 1.64 7.13
CA GLN B 33 13.05 1.54 6.35
C GLN B 33 13.92 2.73 6.69
N GLU B 34 15.18 2.48 6.99
CA GLU B 34 16.15 3.54 7.33
C GLU B 34 15.56 4.41 8.47
N GLY B 35 14.86 3.84 9.45
CA GLY B 35 14.41 4.61 10.64
C GLY B 35 13.17 5.44 10.37
N VAL B 36 12.56 5.31 9.19
CA VAL B 36 11.35 6.06 8.75
C VAL B 36 10.19 5.08 8.52
N PHE B 37 9.01 5.42 9.02
CA PHE B 37 7.79 4.61 8.85
C PHE B 37 7.00 5.22 7.70
N HIS B 38 6.61 4.41 6.75
CA HIS B 38 5.94 4.79 5.49
C HIS B 38 4.57 4.13 5.44
N THR B 39 3.51 4.90 5.27
CA THR B 39 2.16 4.29 5.14
C THR B 39 1.37 5.15 4.16
N MET B 40 0.08 4.84 4.01
CA MET B 40 -0.86 5.70 3.25
C MET B 40 -1.57 6.70 4.17
N TRP B 41 -1.80 7.92 3.68
N TRP B 41 -1.80 7.91 3.65
N TRP B 41 -1.80 7.92 3.68
N TRP B 41 -1.80 7.91 3.65
CA TRP B 41 -2.44 9.04 4.44
CA TRP B 41 -2.42 9.03 4.41
CA TRP B 41 -2.44 9.04 4.44
CA TRP B 41 -2.42 9.03 4.41
C TRP B 41 -3.80 8.58 4.99
C TRP B 41 -3.80 8.61 4.97
C TRP B 41 -3.80 8.58 4.99
C TRP B 41 -3.80 8.61 4.97
N HIS B 42 -4.62 7.93 4.17
CA HIS B 42 -5.98 7.54 4.60
C HIS B 42 -5.93 6.55 5.80
N VAL B 43 -4.82 5.88 6.05
CA VAL B 43 -4.72 4.92 7.18
C VAL B 43 -4.66 5.72 8.48
N THR B 44 -3.77 6.72 8.59
CA THR B 44 -3.51 7.43 9.88
C THR B 44 -4.20 8.80 9.94
N LYS B 45 -4.61 9.36 8.79
CA LYS B 45 -5.07 10.76 8.63
C LYS B 45 -4.02 11.74 9.17
N GLY B 46 -2.74 11.35 9.20
CA GLY B 46 -1.63 12.19 9.65
C GLY B 46 -1.44 12.17 11.15
N ALA B 47 -2.17 11.33 11.91
CA ALA B 47 -2.05 11.29 13.39
C ALA B 47 -0.69 10.70 13.80
N ALA B 48 -0.24 11.02 15.02
CA ALA B 48 0.90 10.34 15.66
C ALA B 48 0.60 8.86 15.87
N LEU B 49 1.68 8.08 16.02
CA LEU B 49 1.66 6.62 16.24
C LEU B 49 2.56 6.27 17.43
N ARG B 50 2.25 5.14 18.05
CA ARG B 50 3.03 4.54 19.16
C ARG B 50 3.69 3.27 18.62
N SER B 51 4.98 3.10 18.92
CA SER B 51 5.71 1.82 18.86
C SER B 51 6.18 1.42 20.28
N GLY B 52 5.40 0.62 21.00
CA GLY B 52 5.73 0.34 22.41
C GLY B 52 5.47 1.57 23.24
N GLU B 53 6.49 2.17 23.85
CA GLU B 53 6.31 3.47 24.54
C GLU B 53 7.10 4.59 23.84
N GLY B 54 7.75 4.30 22.71
CA GLY B 54 8.20 5.33 21.75
C GLY B 54 7.00 5.96 21.02
N ARG B 55 7.17 7.20 20.53
CA ARG B 55 6.19 7.95 19.70
C ARG B 55 6.80 8.24 18.32
N LEU B 56 6.03 8.03 17.26
CA LEU B 56 6.39 8.42 15.88
C LEU B 56 5.59 9.66 15.50
N ASP B 57 6.27 10.76 15.13
CA ASP B 57 5.53 11.94 14.61
C ASP B 57 5.63 12.03 13.09
N PRO B 58 4.51 12.47 12.46
CA PRO B 58 4.46 12.64 11.01
C PRO B 58 5.57 13.62 10.59
N TYR B 59 6.21 13.42 9.45
CA TYR B 59 7.28 14.32 8.97
C TYR B 59 6.88 14.90 7.61
N TRP B 60 6.26 14.10 6.80
CA TRP B 60 5.86 14.53 5.43
C TRP B 60 4.55 13.87 5.12
N GLY B 61 3.70 14.57 4.41
CA GLY B 61 2.59 13.83 3.76
C GLY B 61 1.86 14.64 2.73
N ASP B 62 0.98 14.00 1.99
CA ASP B 62 0.29 14.56 0.79
C ASP B 62 -0.94 13.72 0.53
N VAL B 63 -2.11 14.32 0.73
CA VAL B 63 -3.47 13.69 0.58
C VAL B 63 -3.68 13.29 -0.87
N LYS B 64 -3.07 14.00 -1.83
CA LYS B 64 -3.34 13.64 -3.26
C LYS B 64 -2.57 12.37 -3.68
N GLN B 65 -1.29 12.23 -3.23
CA GLN B 65 -0.46 11.01 -3.42
C GLN B 65 -0.96 9.88 -2.50
N ASP B 66 -1.65 10.25 -1.43
CA ASP B 66 -2.22 9.43 -0.34
C ASP B 66 -1.08 8.72 0.39
N LEU B 67 -0.01 9.47 0.68
CA LEU B 67 1.21 8.95 1.35
C LEU B 67 1.60 9.76 2.57
N VAL B 68 2.29 9.12 3.51
CA VAL B 68 2.77 9.80 4.75
C VAL B 68 4.02 9.10 5.28
N SER B 69 5.00 9.87 5.70
CA SER B 69 6.27 9.38 6.28
C SER B 69 6.35 9.86 7.73
N TYR B 70 6.87 9.01 8.62
N TYR B 70 6.87 9.01 8.62
N TYR B 70 6.93 9.02 8.59
N TYR B 70 6.93 9.02 8.59
CA TYR B 70 7.07 9.34 10.06
CA TYR B 70 7.07 9.34 10.06
CA TYR B 70 7.08 9.25 10.05
CA TYR B 70 7.08 9.25 10.05
C TYR B 70 8.57 9.24 10.41
C TYR B 70 8.57 9.24 10.41
C TYR B 70 8.56 9.22 10.44
C TYR B 70 8.56 9.22 10.44
N CYS B 71 9.07 10.21 11.17
N CYS B 71 9.07 10.21 11.17
N CYS B 71 9.03 10.29 11.10
N CYS B 71 9.03 10.29 11.10
CA CYS B 71 10.44 10.25 11.76
CA CYS B 71 10.44 10.25 11.76
CA CYS B 71 10.37 10.41 11.76
CA CYS B 71 10.37 10.41 11.76
C CYS B 71 11.42 10.94 10.78
C CYS B 71 11.42 10.94 10.78
C CYS B 71 11.48 10.67 10.74
C CYS B 71 11.48 10.67 10.74
N GLY B 72 11.12 10.92 9.48
CA GLY B 72 12.09 11.38 8.47
C GLY B 72 11.39 11.45 7.14
N PRO B 73 12.11 11.91 6.10
CA PRO B 73 11.53 12.01 4.77
C PRO B 73 11.32 10.62 4.14
N TRP B 74 10.51 10.56 3.08
CA TRP B 74 10.22 9.35 2.30
C TRP B 74 11.55 8.75 1.79
N LYS B 75 11.77 7.44 1.98
CA LYS B 75 13.04 6.73 1.69
C LYS B 75 12.91 5.82 0.45
N LEU B 76 11.70 5.42 0.05
CA LEU B 76 11.45 4.32 -0.93
C LEU B 76 11.44 4.91 -2.34
N ASP B 77 12.46 4.61 -3.15
CA ASP B 77 12.58 5.21 -4.51
C ASP B 77 12.53 4.14 -5.63
N ALA B 78 12.36 2.85 -5.34
CA ALA B 78 12.35 1.83 -6.40
C ALA B 78 11.05 1.95 -7.18
N ALA B 79 11.09 1.52 -8.43
CA ALA B 79 10.07 1.72 -9.49
C ALA B 79 9.76 0.38 -10.19
N TRP B 80 8.48 0.08 -10.48
CA TRP B 80 8.10 -1.03 -11.40
C TRP B 80 8.81 -0.75 -12.72
N ASP B 81 9.35 -1.78 -13.35
CA ASP B 81 10.07 -1.62 -14.64
C ASP B 81 9.09 -1.69 -15.81
N GLY B 82 7.80 -1.90 -15.54
CA GLY B 82 6.71 -1.96 -16.54
C GLY B 82 6.65 -3.29 -17.29
N LEU B 83 7.46 -4.28 -16.91
CA LEU B 83 7.60 -5.59 -17.59
C LEU B 83 7.37 -6.74 -16.63
N SER B 84 8.17 -6.81 -15.56
CA SER B 84 8.33 -8.03 -14.72
C SER B 84 7.15 -8.11 -13.74
N GLU B 85 6.87 -9.34 -13.28
CA GLU B 85 5.94 -9.65 -12.16
C GLU B 85 6.50 -9.02 -10.88
N VAL B 86 5.60 -8.86 -9.94
CA VAL B 86 5.91 -8.26 -8.61
C VAL B 86 5.24 -9.11 -7.54
N GLN B 87 5.57 -8.88 -6.27
CA GLN B 87 4.82 -9.51 -5.16
C GLN B 87 4.18 -8.43 -4.29
N LEU B 88 2.88 -8.53 -4.08
CA LEU B 88 2.21 -7.88 -2.94
C LEU B 88 2.53 -8.68 -1.66
N LEU B 89 3.30 -8.10 -0.74
N LEU B 89 3.30 -8.10 -0.74
N LEU B 89 3.29 -8.10 -0.74
N LEU B 89 3.29 -8.10 -0.74
CA LEU B 89 3.45 -8.64 0.63
CA LEU B 89 3.45 -8.64 0.63
CA LEU B 89 3.45 -8.64 0.63
CA LEU B 89 3.45 -8.64 0.63
C LEU B 89 2.20 -8.22 1.40
C LEU B 89 2.20 -8.22 1.40
C LEU B 89 2.20 -8.23 1.41
C LEU B 89 2.20 -8.23 1.41
N ALA B 90 1.11 -8.96 1.24
CA ALA B 90 -0.20 -8.62 1.85
C ALA B 90 -0.16 -8.90 3.35
N VAL B 91 -0.65 -7.97 4.16
CA VAL B 91 -0.78 -8.20 5.63
C VAL B 91 -2.23 -7.96 6.06
N PRO B 92 -3.11 -8.97 5.85
CA PRO B 92 -4.55 -8.81 6.08
C PRO B 92 -4.84 -8.77 7.58
N PRO B 93 -5.95 -8.17 8.03
CA PRO B 93 -6.33 -8.18 9.44
C PRO B 93 -6.45 -9.60 10.04
N GLY B 94 -5.81 -9.79 11.20
CA GLY B 94 -5.77 -11.05 11.96
C GLY B 94 -5.14 -12.22 11.21
N GLU B 95 -4.48 -12.02 10.08
CA GLU B 95 -3.91 -13.12 9.23
C GLU B 95 -2.41 -12.87 9.09
N ARG B 96 -1.61 -13.90 8.80
CA ARG B 96 -0.14 -13.81 8.62
C ARG B 96 0.20 -13.08 7.34
N ALA B 97 1.33 -12.39 7.36
CA ALA B 97 2.00 -11.82 6.18
C ALA B 97 2.05 -12.92 5.11
N LYS B 98 1.47 -12.67 3.94
CA LYS B 98 1.49 -13.60 2.78
C LYS B 98 1.97 -12.86 1.51
N ASN B 99 2.95 -13.40 0.77
CA ASN B 99 3.32 -12.90 -0.59
C ASN B 99 2.31 -13.39 -1.63
N ILE B 100 1.87 -12.52 -2.53
CA ILE B 100 0.95 -12.90 -3.64
C ILE B 100 1.59 -12.36 -4.89
N GLN B 101 2.01 -13.20 -5.79
CA GLN B 101 2.75 -12.75 -6.99
C GLN B 101 1.75 -12.43 -8.11
N THR B 102 2.03 -11.35 -8.87
CA THR B 102 1.16 -10.87 -9.97
C THR B 102 1.97 -10.01 -10.95
N LEU B 103 1.50 -9.95 -12.20
CA LEU B 103 1.95 -9.01 -13.25
C LEU B 103 1.00 -7.80 -13.27
N PRO B 104 1.52 -6.59 -12.92
CA PRO B 104 0.68 -5.41 -12.82
C PRO B 104 0.02 -5.00 -14.14
N GLY B 105 -1.17 -4.45 -14.01
CA GLY B 105 -1.91 -3.73 -15.06
C GLY B 105 -1.47 -2.27 -15.05
N ILE B 106 -2.30 -1.40 -15.63
CA ILE B 106 -1.93 0.03 -15.89
C ILE B 106 -3.10 0.94 -15.56
N PHE B 107 -2.86 1.98 -14.81
CA PHE B 107 -3.73 3.17 -14.74
C PHE B 107 -3.20 4.14 -15.78
N LYS B 108 -3.98 4.39 -16.83
CA LYS B 108 -3.67 5.44 -17.84
C LYS B 108 -4.32 6.76 -17.37
N THR B 109 -3.52 7.80 -17.13
CA THR B 109 -4.01 9.13 -16.62
C THR B 109 -3.49 10.23 -17.55
N LYS B 110 -4.15 11.39 -17.53
CA LYS B 110 -3.78 12.61 -18.32
C LYS B 110 -2.30 12.96 -18.02
N ASP B 111 -1.82 12.69 -16.80
CA ASP B 111 -0.45 13.00 -16.33
C ASP B 111 0.52 11.82 -16.48
N GLY B 112 0.10 10.68 -17.02
CA GLY B 112 0.99 9.50 -17.19
C GLY B 112 0.41 8.17 -16.68
N ASP B 113 1.08 7.07 -17.05
CA ASP B 113 0.72 5.66 -16.72
C ASP B 113 1.34 5.28 -15.38
N ILE B 114 0.56 4.58 -14.54
CA ILE B 114 1.00 3.97 -13.26
C ILE B 114 0.72 2.47 -13.33
N GLY B 115 1.62 1.67 -12.80
CA GLY B 115 1.33 0.25 -12.50
C GLY B 115 0.11 0.15 -11.58
N ALA B 116 -0.63 -0.92 -11.75
CA ALA B 116 -1.83 -1.25 -10.96
C ALA B 116 -1.77 -2.76 -10.68
N VAL B 117 -2.16 -3.16 -9.47
N VAL B 117 -2.19 -3.15 -9.47
N VAL B 117 -2.16 -3.16 -9.47
N VAL B 117 -2.19 -3.15 -9.47
CA VAL B 117 -2.21 -4.60 -9.07
CA VAL B 117 -2.23 -4.57 -9.00
CA VAL B 117 -2.21 -4.60 -9.07
CA VAL B 117 -2.23 -4.57 -9.00
C VAL B 117 -3.67 -4.97 -8.76
C VAL B 117 -3.69 -4.96 -8.74
C VAL B 117 -3.67 -4.97 -8.76
C VAL B 117 -3.69 -4.96 -8.74
N ALA B 118 -4.19 -6.02 -9.39
CA ALA B 118 -5.62 -6.45 -9.30
C ALA B 118 -5.76 -7.59 -8.28
N LEU B 119 -5.87 -7.27 -6.98
CA LEU B 119 -5.99 -8.27 -5.88
C LEU B 119 -6.99 -7.73 -4.84
N ASP B 120 -7.90 -8.58 -4.38
CA ASP B 120 -9.00 -8.20 -3.45
C ASP B 120 -8.53 -8.50 -2.04
N TYR B 121 -8.51 -7.51 -1.15
CA TYR B 121 -8.30 -7.69 0.30
C TYR B 121 -9.15 -6.67 1.05
N PRO B 122 -9.42 -6.92 2.34
CA PRO B 122 -10.16 -5.96 3.14
C PRO B 122 -9.42 -4.62 3.16
N ALA B 123 -10.16 -3.55 3.41
CA ALA B 123 -9.61 -2.18 3.41
C ALA B 123 -8.45 -2.05 4.40
N GLY B 124 -8.45 -2.86 5.48
CA GLY B 124 -7.39 -2.86 6.50
C GLY B 124 -6.02 -3.32 5.97
N THR B 125 -5.90 -3.80 4.75
CA THR B 125 -4.62 -4.26 4.13
C THR B 125 -3.93 -3.06 3.45
N SER B 126 -4.57 -1.88 3.39
CA SER B 126 -4.00 -0.63 2.83
C SER B 126 -2.62 -0.38 3.44
N GLY B 127 -1.61 -0.17 2.58
CA GLY B 127 -0.27 0.18 3.07
C GLY B 127 0.70 -0.95 2.87
N SER B 128 0.17 -2.14 2.53
CA SER B 128 0.96 -3.36 2.27
C SER B 128 1.91 -3.06 1.11
N PRO B 129 3.21 -3.37 1.27
CA PRO B 129 4.17 -3.09 0.22
C PRO B 129 4.12 -4.03 -0.97
N ILE B 130 4.50 -3.46 -2.10
CA ILE B 130 4.67 -4.14 -3.40
C ILE B 130 6.19 -4.19 -3.68
N LEU B 131 6.69 -5.38 -4.02
CA LEU B 131 8.14 -5.68 -4.14
C LEU B 131 8.53 -6.04 -5.58
N ASP B 132 9.75 -5.67 -5.96
CA ASP B 132 10.45 -6.19 -7.17
C ASP B 132 11.28 -7.41 -6.76
N LYS B 133 11.97 -8.02 -7.73
CA LYS B 133 12.60 -9.37 -7.59
C LYS B 133 13.74 -9.25 -6.58
N CYS B 134 14.26 -8.04 -6.34
CA CYS B 134 15.40 -7.81 -5.43
C CYS B 134 14.91 -7.48 -4.03
N GLY B 135 13.61 -7.70 -3.74
CA GLY B 135 13.00 -7.32 -2.44
C GLY B 135 12.82 -5.82 -2.19
N ARG B 136 13.03 -4.92 -3.17
CA ARG B 136 12.88 -3.45 -2.96
C ARG B 136 11.40 -3.01 -3.07
N VAL B 137 10.95 -2.08 -2.20
CA VAL B 137 9.53 -1.62 -2.22
C VAL B 137 9.35 -0.63 -3.39
N ILE B 138 8.52 -0.98 -4.36
CA ILE B 138 8.27 -0.13 -5.56
C ILE B 138 6.96 0.66 -5.35
N GLY B 139 6.29 0.48 -4.20
CA GLY B 139 5.11 1.30 -3.86
C GLY B 139 4.21 0.61 -2.86
N LEU B 140 3.11 1.23 -2.46
CA LEU B 140 2.17 0.69 -1.46
C LEU B 140 0.84 0.46 -2.13
N TYR B 141 0.15 -0.58 -1.64
CA TYR B 141 -1.13 -1.08 -2.14
C TYR B 141 -2.21 -0.47 -1.26
N GLY B 142 -3.33 -0.08 -1.84
CA GLY B 142 -4.47 0.34 -1.02
C GLY B 142 -5.11 1.66 -1.45
N ASN B 143 -4.64 2.30 -2.55
CA ASN B 143 -5.38 3.42 -3.17
C ASN B 143 -5.65 3.06 -4.62
N GLY B 144 -6.91 2.97 -4.98
CA GLY B 144 -7.27 2.65 -6.35
C GLY B 144 -8.77 2.70 -6.54
N VAL B 145 -9.27 1.70 -7.27
N VAL B 145 -9.27 1.70 -7.27
N VAL B 145 -9.29 1.72 -7.28
N VAL B 145 -9.29 1.72 -7.28
CA VAL B 145 -10.62 1.69 -7.92
CA VAL B 145 -10.62 1.69 -7.92
CA VAL B 145 -10.66 1.79 -7.87
CA VAL B 145 -10.65 1.79 -7.87
C VAL B 145 -11.30 0.35 -7.63
C VAL B 145 -11.30 0.35 -7.63
C VAL B 145 -11.32 0.42 -7.80
C VAL B 145 -11.32 0.42 -7.80
N VAL B 146 -12.64 0.32 -7.70
N VAL B 146 -12.64 0.32 -7.70
N VAL B 146 -12.65 0.40 -7.89
N VAL B 146 -12.65 0.40 -7.89
CA VAL B 146 -13.47 -0.93 -7.66
CA VAL B 146 -13.47 -0.93 -7.66
CA VAL B 146 -13.48 -0.83 -8.05
CA VAL B 146 -13.48 -0.83 -8.05
C VAL B 146 -14.15 -1.10 -9.02
C VAL B 146 -14.15 -1.10 -9.02
C VAL B 146 -13.94 -0.87 -9.52
C VAL B 146 -13.94 -0.87 -9.52
N ILE B 147 -13.59 -1.96 -9.89
N ILE B 147 -13.60 -1.96 -9.88
N ILE B 147 -13.81 -2.03 -10.19
N ILE B 147 -13.82 -2.04 -10.18
CA ILE B 147 -13.91 -2.04 -11.34
CA ILE B 147 -13.92 -2.04 -11.35
CA ILE B 147 -13.97 -2.15 -11.67
CA ILE B 147 -13.97 -2.15 -11.67
C ILE B 147 -15.31 -2.67 -11.54
C ILE B 147 -15.31 -2.67 -11.54
C ILE B 147 -15.34 -2.77 -11.99
C ILE B 147 -15.34 -2.77 -11.99
N LYS B 148 -15.81 -2.62 -12.78
N LYS B 148 -15.81 -2.62 -12.78
N LYS B 148 -15.69 -2.84 -13.28
N LYS B 148 -15.69 -2.84 -13.28
CA LYS B 148 -17.17 -3.09 -13.19
CA LYS B 148 -17.17 -3.09 -13.19
CA LYS B 148 -17.02 -3.26 -13.79
CA LYS B 148 -17.02 -3.26 -13.79
C LYS B 148 -17.57 -4.31 -12.37
C LYS B 148 -17.57 -4.30 -12.36
C LYS B 148 -17.44 -4.61 -13.21
C LYS B 148 -17.44 -4.61 -13.21
N ASN B 149 -16.77 -5.37 -12.43
N ASN B 149 -16.77 -5.37 -12.43
N ASN B 149 -16.57 -5.30 -12.45
N ASN B 149 -16.57 -5.30 -12.45
CA ASN B 149 -17.06 -6.72 -11.86
CA ASN B 149 -17.06 -6.72 -11.86
CA ASN B 149 -16.79 -6.67 -11.90
CA ASN B 149 -16.79 -6.67 -11.90
C ASN B 149 -16.97 -6.72 -10.33
C ASN B 149 -16.97 -6.72 -10.33
C ASN B 149 -17.14 -6.64 -10.40
C ASN B 149 -17.14 -6.64 -10.40
N GLY B 150 -16.83 -5.55 -9.69
CA GLY B 150 -16.93 -5.45 -8.21
C GLY B 150 -15.60 -5.70 -7.49
N SER B 151 -14.59 -6.15 -8.24
N SER B 151 -14.60 -6.14 -8.25
N SER B 151 -14.59 -6.15 -8.24
N SER B 151 -14.60 -6.14 -8.25
CA SER B 151 -13.23 -6.43 -7.74
CA SER B 151 -13.22 -6.42 -7.77
CA SER B 151 -13.23 -6.42 -7.74
CA SER B 151 -13.22 -6.42 -7.77
C SER B 151 -12.46 -5.12 -7.56
C SER B 151 -12.46 -5.11 -7.56
C SER B 151 -12.46 -5.11 -7.56
C SER B 151 -12.46 -5.10 -7.55
N TYR B 152 -11.41 -5.15 -6.73
CA TYR B 152 -10.55 -3.98 -6.42
C TYR B 152 -9.31 -3.97 -7.32
N VAL B 153 -8.90 -2.81 -7.79
CA VAL B 153 -7.60 -2.57 -8.47
C VAL B 153 -6.90 -1.36 -7.82
N SER B 154 -5.69 -1.58 -7.29
CA SER B 154 -4.87 -0.57 -6.60
C SER B 154 -3.76 -0.06 -7.53
N ALA B 155 -3.48 1.23 -7.48
CA ALA B 155 -2.24 1.82 -8.01
C ALA B 155 -1.10 1.19 -7.24
N ILE B 156 0.03 1.07 -7.92
CA ILE B 156 1.35 1.01 -7.24
C ILE B 156 1.71 2.45 -6.87
N THR B 157 1.40 2.86 -5.64
CA THR B 157 1.63 4.24 -5.15
C THR B 157 3.04 4.38 -4.57
N GLN B 158 3.92 5.15 -5.21
CA GLN B 158 5.31 5.43 -4.77
C GLN B 158 5.48 6.93 -4.51
N GLY B 159 6.25 7.25 -3.47
CA GLY B 159 6.65 8.63 -3.12
C GLY B 159 7.91 9.02 -3.89
N LYS B 160 8.36 10.25 -3.69
CA LYS B 160 9.63 10.82 -4.23
C LYS B 160 10.62 10.95 -3.05
N ARG B 161 11.90 10.66 -3.30
CA ARG B 161 13.04 10.89 -2.36
C ARG B 161 13.69 12.25 -2.74
N GLU B 162 14.36 12.94 -1.79
CA GLU B 162 15.06 14.24 -2.01
C GLU B 162 16.48 14.14 -1.43
S DMS C . -8.87 -2.07 -0.09
S DMS C . -8.87 -2.07 -0.09
O DMS C . -9.42 -2.53 -1.41
O DMS C . -9.42 -2.53 -1.41
C1 DMS C . -8.72 -0.30 -0.20
C1 DMS C . -8.72 -0.30 -0.20
C2 DMS C . -7.14 -2.46 -0.10
C2 DMS C . -7.14 -2.46 -0.10
S DMS D . -4.94 14.69 13.02
O DMS D . -3.85 14.63 11.98
C1 DMS D . -4.30 13.90 14.45
C2 DMS D . -6.14 13.45 12.58
S DMS E . -9.33 2.72 -2.24
S DMS E . -9.33 2.72 -2.24
O DMS E . -8.44 2.63 -3.43
O DMS E . -8.44 2.63 -3.43
C1 DMS E . -8.90 4.23 -1.42
C1 DMS E . -8.90 4.23 -1.42
C2 DMS E . -10.92 3.22 -2.84
C2 DMS E . -10.92 3.22 -2.84
N1 A1BGM F . -8.32 7.46 -0.90
N1 A1BGM F . -8.32 7.46 -0.90
N3 A1BGM F . -9.43 1.25 0.76
N3 A1BGM F . -9.43 1.25 0.76
C4 A1BGM F . -9.43 5.90 0.65
C4 A1BGM F . -9.43 5.90 0.65
C5 A1BGM F . -9.64 3.68 0.50
C5 A1BGM F . -9.64 3.68 0.50
C6 A1BGM F . -9.33 2.37 -0.16
C6 A1BGM F . -9.33 2.37 -0.16
C7 A1BGM F . -9.29 -0.06 0.34
C7 A1BGM F . -9.29 -0.06 0.34
C8 A1BGM F . -8.02 -0.63 0.27
C8 A1BGM F . -8.02 -0.63 0.26
C10 A1BGM F . -8.98 -2.70 -0.48
C10 A1BGM F . -8.98 -2.70 -0.48
C13 A1BGM F . -12.46 -5.16 -1.51
C13 A1BGM F . -12.46 -5.16 -1.51
C15 A1BGM F . -13.17 -4.72 -2.80
C15 A1BGM F . -13.17 -4.72 -2.80
C17 A1BGM F . -10.41 -0.83 0.00
C17 A1BGM F . -10.41 -0.83 0.00
C1 A1BGM F . -7.55 8.69 -1.00
C1 A1BGM F . -7.55 8.69 -1.00
C2 A1BGM F . -9.38 7.41 -1.90
C2 A1BGM F . -9.39 7.41 -1.89
C3 A1BGM F . -8.84 7.26 0.44
C3 A1BGM F . -8.84 7.26 0.44
N2 A1BGM F . -9.09 4.85 -0.05
N2 A1BGM F . -9.09 4.85 -0.05
C9 A1BGM F . -7.89 -1.94 -0.13
C9 A1BGM F . -7.89 -1.94 -0.13
CL1 A1BGM F . -6.29 -2.63 -0.21
CL1 A1BGM F . -6.29 -2.63 -0.21
C11 A1BGM F . -10.26 -2.16 -0.41
C11 A1BGM F . -10.26 -2.16 -0.41
C12 A1BGM F . -11.50 -2.93 -0.77
C12 A1BGM F . -11.50 -2.93 -0.77
O1 A1BGM F . -12.60 -2.38 -0.71
O1 A1BGM F . -12.60 -2.38 -0.71
N4 A1BGM F . -11.36 -4.19 -1.18
N4 A1BGM F . -11.36 -4.19 -1.19
C14 A1BGM F . -11.86 -6.56 -1.70
C14 A1BGM F . -11.86 -6.56 -1.70
C16 A1BGM F . -13.49 -5.26 -0.38
C16 A1BGM F . -13.49 -5.26 -0.38
O2 A1BGM F . -12.92 -5.67 0.85
O2 A1BGM F . -12.91 -5.68 0.84
C18 A1BGM F . -10.43 3.90 1.57
C18 A1BGM F . -10.43 3.90 1.57
S1 A1BGM F . -10.60 5.58 1.87
S1 A1BGM F . -10.60 5.58 1.87
S DMS G . 1.66 -4.61 -18.78
S DMS G . 1.66 -4.61 -18.78
O DMS G . 2.57 -5.34 -17.79
O DMS G . 2.57 -5.34 -17.79
C1 DMS G . 0.15 -4.27 -17.90
C1 DMS G . 0.15 -4.27 -17.90
C2 DMS G . 0.98 -5.85 -19.86
C2 DMS G . 0.98 -5.85 -19.86
S SO4 H . -15.77 -10.52 -3.88
S SO4 H . -15.77 -10.52 -3.88
O1 SO4 H . -16.07 -10.91 -2.52
O1 SO4 H . -16.07 -10.91 -2.52
O2 SO4 H . -16.89 -9.80 -4.43
O2 SO4 H . -16.89 -9.80 -4.43
O3 SO4 H . -14.61 -9.66 -3.88
O3 SO4 H . -14.60 -9.66 -3.88
O4 SO4 H . -15.52 -11.68 -4.69
O4 SO4 H . -15.51 -11.68 -4.69
#